data_8V9N
#
_entry.id   8V9N
#
_cell.length_a   42.928
_cell.length_b   60.363
_cell.length_c   44.707
_cell.angle_alpha   90.000
_cell.angle_beta   116.775
_cell.angle_gamma   90.000
#
_symmetry.space_group_name_H-M   'P 1 21 1'
#
loop_
_entity.id
_entity.type
_entity.pdbx_description
1 polymer "DNA (5'-D(*AP*AP*TP*AP*GP*AP*AP*GP*GP*AP*AP*GP*TP*GP*GP*G)-3')"
2 polymer "DNA (5'-D(*TP*CP*CP*CP*AP*CP*TP*TP*CP*CP*TP*TP*CP*TP*AP*T)-3')"
3 polymer 'Transcription factor PU.1'
4 water water
#
loop_
_entity_poly.entity_id
_entity_poly.type
_entity_poly.pdbx_seq_one_letter_code
_entity_poly.pdbx_strand_id
1 'polydeoxyribonucleotide' (DA)(DA)(DT)(DA)(DG)(DA)(DA)(DG)(DG)(DA)(DA)(DG)(DT)(DG)(DG)(DG) C
2 'polydeoxyribonucleotide' (DT)(DC)(DC)(DC)(DA)(DC)(DT)(DT)(DC)(DC)(DT)(DT)(DC)(DT)(DA)(DT) D
3 'polypeptide(L)'
;GSKKKIRLYQFLLDLLRSGDMKDSIWWVDKDKGTFQFSSKHKEALAHRWGIQKGNRKKMTYQKMARALRNYGKTGEVKKV
KKKLTYQFSGEVLGRGGLAERRHPPH
;
F
#
loop_
_chem_comp.id
_chem_comp.type
_chem_comp.name
_chem_comp.formula
DA DNA linking 2'-DEOXYADENOSINE-5'-MONOPHOSPHATE 'C10 H14 N5 O6 P'
DC DNA linking 2'-DEOXYCYTIDINE-5'-MONOPHOSPHATE 'C9 H14 N3 O7 P'
DG DNA linking 2'-DEOXYGUANOSINE-5'-MONOPHOSPHATE 'C10 H14 N5 O7 P'
DT DNA linking THYMIDINE-5'-MONOPHOSPHATE 'C10 H15 N2 O8 P'
#
# COMPACT_ATOMS: atom_id res chain seq x y z
N LYS C 5 11.62 -3.49 11.80
CA LYS C 5 11.18 -3.50 10.41
C LYS C 5 10.03 -2.51 10.21
N ILE C 6 9.85 -2.11 8.97
CA ILE C 6 8.91 -1.07 8.57
C ILE C 6 7.50 -1.65 8.47
N ARG C 7 6.49 -0.82 8.74
CA ARG C 7 5.12 -1.32 8.66
C ARG C 7 4.60 -1.15 7.24
N LEU C 8 3.66 -2.03 6.88
CA LEU C 8 3.19 -2.05 5.49
C LEU C 8 2.69 -0.67 5.06
N TYR C 9 1.91 0.00 5.90
CA TYR C 9 1.35 1.27 5.48
C TYR C 9 2.44 2.30 5.25
N GLN C 10 3.51 2.25 6.05
CA GLN C 10 4.60 3.19 5.86
CA GLN C 10 4.61 3.18 5.85
C GLN C 10 5.35 2.91 4.58
N PHE C 11 5.57 1.61 4.26
CA PHE C 11 6.16 1.20 3.00
C PHE C 11 5.41 1.77 1.81
N LEU C 12 4.08 1.71 1.87
CA LEU C 12 3.27 2.20 0.77
C LEU C 12 3.32 3.71 0.73
N LEU C 13 3.25 4.36 1.88
CA LEU C 13 3.33 5.81 1.89
C LEU C 13 4.69 6.27 1.36
N ASP C 14 5.76 5.58 1.78
CA ASP C 14 7.09 5.93 1.30
C ASP C 14 7.19 5.81 -0.21
N LEU C 15 6.64 4.74 -0.78
CA LEU C 15 6.65 4.58 -2.22
C LEU C 15 5.92 5.72 -2.90
N LEU C 16 4.74 6.07 -2.39
CA LEU C 16 3.98 7.14 -3.01
C LEU C 16 4.73 8.46 -2.95
N ARG C 17 5.44 8.72 -1.85
CA ARG C 17 6.20 9.96 -1.76
C ARG C 17 7.43 9.96 -2.66
N SER C 18 8.08 8.82 -2.80
CA SER C 18 9.30 8.73 -3.59
C SER C 18 9.04 8.64 -5.08
N GLY C 19 7.89 8.07 -5.48
CA GLY C 19 7.60 7.82 -6.87
C GLY C 19 8.35 6.65 -7.49
N ASP C 20 8.98 5.78 -6.70
CA ASP C 20 9.88 4.81 -7.32
C ASP C 20 9.15 3.67 -8.04
N MET C 21 7.86 3.47 -7.78
CA MET C 21 7.08 2.46 -8.51
C MET C 21 5.81 3.09 -9.05
N LYS C 22 5.98 4.21 -9.77
CA LYS C 22 4.83 4.96 -10.26
C LYS C 22 3.90 4.13 -11.14
N ASP C 23 4.40 3.08 -11.78
CA ASP C 23 3.56 2.24 -12.61
C ASP C 23 2.79 1.19 -11.81
N SER C 24 3.09 1.02 -10.52
CA SER C 24 2.37 0.06 -9.69
C SER C 24 1.42 0.70 -8.71
N ILE C 25 1.62 1.97 -8.34
CA ILE C 25 0.80 2.60 -7.31
C ILE C 25 0.81 4.11 -7.54
N TRP C 26 -0.32 4.74 -7.24
CA TRP C 26 -0.40 6.17 -7.48
C TRP C 26 -1.46 6.81 -6.59
N TRP C 27 -1.26 8.10 -6.31
CA TRP C 27 -2.31 8.85 -5.66
C TRP C 27 -3.51 8.98 -6.57
N VAL C 28 -4.69 8.93 -5.98
CA VAL C 28 -5.92 9.31 -6.67
C VAL C 28 -6.21 10.76 -6.30
N ASP C 29 -6.40 11.01 -5.00
CA ASP C 29 -6.51 12.34 -4.43
C ASP C 29 -5.57 12.38 -3.22
N LYS C 30 -4.37 12.92 -3.40
CA LYS C 30 -3.40 12.88 -2.31
C LYS C 30 -3.85 13.71 -1.11
N ASP C 31 -4.59 14.80 -1.33
CA ASP C 31 -5.11 15.54 -0.21
C ASP C 31 -5.99 14.68 0.69
N LYS C 32 -6.77 13.79 0.08
CA LYS C 32 -7.60 12.87 0.86
C LYS C 32 -6.86 11.62 1.28
N GLY C 33 -5.68 11.39 0.72
CA GLY C 33 -4.93 10.20 1.03
C GLY C 33 -5.40 8.96 0.30
N THR C 34 -6.19 9.10 -0.77
CA THR C 34 -6.63 7.94 -1.55
C THR C 34 -5.58 7.57 -2.58
N PHE C 35 -5.38 6.27 -2.77
CA PHE C 35 -4.36 5.77 -3.68
C PHE C 35 -4.84 4.45 -4.25
N GLN C 36 -4.27 4.07 -5.38
CA GLN C 36 -4.78 2.98 -6.18
C GLN C 36 -3.60 2.17 -6.71
N PHE C 37 -3.76 0.86 -6.65
CA PHE C 37 -2.82 -0.06 -7.25
C PHE C 37 -3.13 -0.30 -8.71
N SER C 38 -2.07 -0.57 -9.46
CA SER C 38 -2.18 -0.99 -10.84
C SER C 38 -2.68 -2.41 -10.94
N SER C 39 -3.70 -2.64 -11.76
CA SER C 39 -4.16 -4.01 -11.97
C SER C 39 -3.04 -4.88 -12.53
N LYS C 40 -2.32 -4.40 -13.54
CA LYS C 40 -1.36 -5.24 -14.22
C LYS C 40 0.02 -5.24 -13.58
N HIS C 41 0.30 -4.31 -12.68
CA HIS C 41 1.67 -4.19 -12.17
C HIS C 41 1.75 -4.15 -10.65
N LYS C 42 0.68 -4.52 -9.95
CA LYS C 42 0.71 -4.50 -8.49
C LYS C 42 1.58 -5.63 -7.95
N GLU C 43 1.69 -6.75 -8.67
CA GLU C 43 2.46 -7.87 -8.14
C GLU C 43 3.92 -7.50 -7.95
N ALA C 44 4.47 -6.68 -8.84
CA ALA C 44 5.88 -6.30 -8.70
C ALA C 44 6.09 -5.55 -7.39
N LEU C 45 5.13 -4.71 -7.04
CA LEU C 45 5.20 -3.99 -5.77
C LEU C 45 5.02 -4.95 -4.58
N ALA C 46 4.09 -5.90 -4.68
CA ALA C 46 3.96 -6.90 -3.62
C ALA C 46 5.26 -7.68 -3.45
N HIS C 47 5.93 -8.01 -4.55
CA HIS C 47 7.19 -8.75 -4.42
C HIS C 47 8.21 -7.96 -3.65
N ARG C 48 8.32 -6.65 -3.92
CA ARG C 48 9.26 -5.81 -3.22
CA ARG C 48 9.26 -5.81 -3.22
C ARG C 48 8.97 -5.76 -1.73
N TRP C 49 7.69 -5.70 -1.35
CA TRP C 49 7.32 -5.71 0.06
C TRP C 49 7.82 -6.97 0.76
N GLY C 50 7.59 -8.14 0.15
CA GLY C 50 8.05 -9.36 0.76
C GLY C 50 9.55 -9.39 0.90
N ILE C 51 10.25 -8.88 -0.10
CA ILE C 51 11.70 -8.93 -0.06
C ILE C 51 12.24 -7.96 0.99
N GLN C 52 11.60 -6.80 1.12
CA GLN C 52 12.04 -5.84 2.14
C GLN C 52 11.83 -6.42 3.53
N LYS C 53 10.77 -7.21 3.70
CA LYS C 53 10.53 -7.87 4.96
C LYS C 53 11.38 -9.12 5.18
N GLY C 54 11.98 -9.67 4.14
CA GLY C 54 12.69 -10.94 4.30
C GLY C 54 11.80 -12.11 4.64
N ASN C 55 10.56 -12.09 4.18
CA ASN C 55 9.65 -13.19 4.45
C ASN C 55 10.16 -14.46 3.78
N ARG C 56 9.66 -15.59 4.27
CA ARG C 56 10.10 -16.90 3.77
C ARG C 56 9.61 -17.14 2.36
N LYS C 57 8.35 -16.85 2.10
CA LYS C 57 7.76 -17.09 0.79
C LYS C 57 7.73 -15.82 -0.03
N LYS C 58 7.55 -15.99 -1.33
CA LYS C 58 7.29 -14.86 -2.20
C LYS C 58 6.00 -14.17 -1.79
N MET C 59 6.03 -12.85 -1.69
CA MET C 59 4.84 -12.10 -1.37
C MET C 59 3.96 -11.93 -2.61
N THR C 60 2.65 -12.00 -2.42
CA THR C 60 1.72 -11.74 -3.49
C THR C 60 0.84 -10.54 -3.14
N TYR C 61 0.21 -9.97 -4.17
CA TYR C 61 -0.74 -8.90 -3.88
C TYR C 61 -1.86 -9.38 -2.97
N GLN C 62 -2.39 -10.57 -3.22
CA GLN C 62 -3.46 -11.10 -2.40
C GLN C 62 -3.09 -11.11 -0.91
N LYS C 63 -1.90 -11.62 -0.58
CA LYS C 63 -1.46 -11.63 0.82
C LYS C 63 -1.18 -10.23 1.32
N MET C 64 -0.66 -9.36 0.46
CA MET C 64 -0.47 -7.99 0.89
C MET C 64 -1.80 -7.33 1.22
N ALA C 65 -2.83 -7.57 0.40
CA ALA C 65 -4.11 -6.94 0.67
C ALA C 65 -4.78 -7.59 1.87
N ARG C 66 -4.47 -8.85 2.14
CA ARG C 66 -4.97 -9.48 3.36
C ARG C 66 -4.51 -8.70 4.60
N ALA C 67 -3.23 -8.33 4.61
CA ALA C 67 -2.72 -7.48 5.66
C ALA C 67 -3.37 -6.11 5.63
N LEU C 68 -3.53 -5.53 4.44
CA LEU C 68 -4.14 -4.21 4.34
C LEU C 68 -5.49 -4.18 5.04
N ARG C 69 -6.31 -5.22 4.84
CA ARG C 69 -7.64 -5.22 5.43
C ARG C 69 -7.60 -5.19 6.94
N ASN C 70 -6.55 -5.74 7.55
CA ASN C 70 -6.45 -5.67 9.00
C ASN C 70 -6.36 -4.24 9.54
N TYR C 71 -5.96 -3.27 8.72
CA TYR C 71 -5.90 -1.90 9.17
C TYR C 71 -7.28 -1.27 9.26
N GLY C 72 -8.30 -1.93 8.71
CA GLY C 72 -9.62 -1.32 8.65
C GLY C 72 -10.15 -0.95 10.02
N LYS C 73 -9.89 -1.79 11.02
CA LYS C 73 -10.47 -1.58 12.34
C LYS C 73 -9.74 -0.48 13.09
N THR C 74 -8.42 -0.47 12.99
CA THR C 74 -7.63 0.55 13.66
C THR C 74 -7.54 1.85 12.90
N GLY C 75 -7.69 1.81 11.57
CA GLY C 75 -7.95 3.01 10.80
C GLY C 75 -6.81 3.56 9.97
N GLU C 76 -5.63 2.95 10.00
CA GLU C 76 -4.50 3.50 9.25
C GLU C 76 -4.78 3.52 7.75
N VAL C 77 -5.42 2.47 7.26
CA VAL C 77 -5.76 2.31 5.85
C VAL C 77 -7.18 1.78 5.80
N LYS C 78 -8.00 2.35 4.94
CA LYS C 78 -9.38 1.87 4.76
C LYS C 78 -9.61 1.60 3.28
N LYS C 79 -10.34 0.56 2.97
CA LYS C 79 -10.70 0.25 1.59
C LYS C 79 -11.70 1.28 1.10
N VAL C 80 -11.55 1.70 -0.15
CA VAL C 80 -12.48 2.61 -0.81
C VAL C 80 -13.25 1.83 -1.86
N LYS C 81 -14.53 2.18 -2.04
CA LYS C 81 -15.41 1.48 -2.97
C LYS C 81 -15.11 1.86 -4.41
N LYS C 82 -13.87 1.57 -4.79
CA LYS C 82 -13.32 1.85 -6.11
C LYS C 82 -12.26 0.81 -6.34
N LYS C 83 -12.10 0.39 -7.58
CA LYS C 83 -11.21 -0.73 -7.86
C LYS C 83 -9.81 -0.45 -7.34
N LEU C 84 -9.30 -1.37 -6.52
CA LEU C 84 -7.91 -1.40 -6.12
C LEU C 84 -7.50 -0.12 -5.38
N THR C 85 -8.47 0.57 -4.78
CA THR C 85 -8.25 1.86 -4.16
C THR C 85 -8.42 1.81 -2.66
N TYR C 86 -7.52 2.48 -1.95
CA TYR C 86 -7.49 2.55 -0.50
C TYR C 86 -7.29 3.99 -0.05
N GLN C 87 -7.31 4.21 1.26
CA GLN C 87 -7.19 5.55 1.81
C GLN C 87 -6.45 5.51 3.13
N PHE C 88 -5.36 6.28 3.23
CA PHE C 88 -4.68 6.48 4.49
C PHE C 88 -5.48 7.41 5.41
N SER C 89 -5.32 7.22 6.71
CA SER C 89 -5.89 8.16 7.67
C SER C 89 -5.13 9.48 7.70
N GLY C 90 -5.81 10.50 8.19
CA GLY C 90 -5.14 11.77 8.40
C GLY C 90 -3.94 11.63 9.32
N GLU C 91 -4.04 10.75 10.30
CA GLU C 91 -2.95 10.59 11.24
C GLU C 91 -1.73 10.01 10.54
N VAL C 92 -1.93 8.96 9.75
CA VAL C 92 -0.84 8.42 8.95
C VAL C 92 -0.27 9.51 8.04
N LEU C 93 -1.13 10.27 7.36
CA LEU C 93 -0.67 11.30 6.44
C LEU C 93 0.15 12.37 7.14
N GLY C 94 -0.29 12.80 8.33
CA GLY C 94 0.46 13.81 9.08
C GLY C 94 1.85 13.34 9.49
N ARG C 95 1.96 12.09 9.94
CA ARG C 95 3.23 11.53 10.47
C ARG C 95 4.23 11.19 9.35
#